data_6ZUF
#
_entry.id   6ZUF
#
_cell.length_a   36.73
_cell.length_b   51.28
_cell.length_c   56.08
_cell.angle_alpha   112.38
_cell.angle_beta   104.87
_cell.angle_gamma   101.19
#
_symmetry.space_group_name_H-M   'P 1'
#
loop_
_entity.id
_entity.type
_entity.pdbx_description
1 polymer 'Histone chaperone ASF1A'
2 polymer 'C2 foldamer/peptide hybrid inhibitor of histone chaperone ASF1'
3 non-polymer GLYCEROL
4 non-polymer 'SULFATE ION'
5 water water
#
loop_
_entity_poly.entity_id
_entity_poly.type
_entity_poly.pdbx_seq_one_letter_code
_entity_poly.pdbx_strand_id
1 'polypeptide(L)'
;GAMAKVQVNNVVVLDNPSPFYNPFQFEITFECIEDLSEDLEWKIIYVGSAESEEYDQVLDSVLVGPVPAGRHMFVFQADA
PNPGLIPDADAVGVTVVLITCTYRGQEFIRVGYYVNNEYTETELRENPPVKPDFSKLQRNILASNPRVTRFHINWEDN
;
A,B
2 'polypeptide(L)' EK(QQB)(OUR)(URL)(QQ8)RIA C,D
#
loop_
_chem_comp.id
_chem_comp.type
_chem_comp.name
_chem_comp.formula
GOL non-polymer GLYCEROL 'C3 H8 O3'
OUR non-polymer [azanyl-[[(4~{S})-4-azanyl-5-(carboxyamino)pentyl]amino]methylidene]azanium 'C7 H18 N5 O2 1'
SO4 non-polymer 'SULFATE ION' 'O4 S -2'
URL non-polymer '[(2~{S})-2-azanyl-4-methyl-pentyl]carbamic acid' 'C7 H16 N2 O2'
#
# COMPACT_ATOMS: atom_id res chain seq x y z
N ALA A 4 1.24 23.75 20.72
CA ALA A 4 0.50 23.41 19.50
C ALA A 4 -0.81 22.65 19.73
N LYS A 5 -1.92 23.17 19.18
CA LYS A 5 -3.23 22.51 19.32
C LYS A 5 -3.37 21.25 18.46
N VAL A 6 -2.53 21.09 17.44
CA VAL A 6 -2.51 19.89 16.65
C VAL A 6 -1.13 19.27 16.81
N GLN A 7 -1.07 18.00 17.21
CA GLN A 7 0.19 17.29 17.39
C GLN A 7 0.19 16.08 16.51
N VAL A 8 1.24 15.88 15.72
CA VAL A 8 1.34 14.71 14.86
C VAL A 8 2.01 13.60 15.63
N ASN A 9 1.28 12.54 15.90
CA ASN A 9 1.77 11.46 16.72
C ASN A 9 2.61 10.48 15.93
N ASN A 10 2.23 10.20 14.68
CA ASN A 10 2.95 9.20 13.89
C ASN A 10 2.70 9.40 12.41
N VAL A 11 3.70 9.05 11.59
CA VAL A 11 3.60 9.02 10.13
C VAL A 11 4.24 7.72 9.71
N VAL A 12 3.45 6.84 9.10
CA VAL A 12 3.98 5.56 8.63
C VAL A 12 4.02 5.58 7.10
N VAL A 13 5.19 5.32 6.52
CA VAL A 13 5.31 5.29 5.08
C VAL A 13 4.87 3.93 4.59
N LEU A 14 3.83 3.90 3.76
CA LEU A 14 3.28 2.65 3.25
C LEU A 14 3.76 2.37 1.84
N ASP A 15 3.65 1.08 1.42
CA ASP A 15 3.98 0.57 0.08
C ASP A 15 5.36 1.07 -0.36
N ASN A 16 6.37 0.74 0.43
CA ASN A 16 7.72 1.26 0.25
C ASN A 16 8.76 0.15 0.48
N PRO A 17 9.74 -0.03 -0.43
CA PRO A 17 9.88 0.65 -1.73
C PRO A 17 8.79 0.24 -2.73
N SER A 18 8.73 0.92 -3.86
CA SER A 18 7.72 0.65 -4.88
C SER A 18 8.18 1.20 -6.24
N PRO A 19 7.52 0.83 -7.37
CA PRO A 19 7.84 1.48 -8.65
C PRO A 19 7.62 2.99 -8.53
N PHE A 20 8.35 3.75 -9.33
CA PHE A 20 8.27 5.21 -9.37
C PHE A 20 6.84 5.70 -9.58
N TYR A 21 6.11 5.03 -10.48
CA TYR A 21 4.75 5.42 -10.85
C TYR A 21 3.66 5.14 -9.81
N ASN A 22 3.99 4.41 -8.73
CA ASN A 22 3.00 4.11 -7.71
C ASN A 22 2.69 5.35 -6.88
N PRO A 23 1.42 5.51 -6.45
CA PRO A 23 1.11 6.65 -5.60
C PRO A 23 1.85 6.56 -4.26
N PHE A 24 2.13 7.70 -3.67
CA PHE A 24 2.68 7.79 -2.32
C PHE A 24 1.53 7.46 -1.35
N GLN A 25 1.84 6.86 -0.20
CA GLN A 25 0.82 6.55 0.82
C GLN A 25 1.46 6.75 2.17
N PHE A 26 0.93 7.68 2.96
CA PHE A 26 1.47 7.98 4.29
C PHE A 26 0.32 7.85 5.29
N GLU A 27 0.41 6.96 6.27
CA GLU A 27 -0.65 6.84 7.27
C GLU A 27 -0.31 7.78 8.41
N ILE A 28 -1.13 8.79 8.58
CA ILE A 28 -0.88 9.83 9.54
C ILE A 28 -1.86 9.77 10.72
N THR A 29 -1.31 9.83 11.94
CA THR A 29 -2.12 9.92 13.16
C THR A 29 -1.80 11.22 13.82
N PHE A 30 -2.83 11.98 14.18
CA PHE A 30 -2.66 13.26 14.84
C PHE A 30 -3.70 13.49 15.90
N GLU A 31 -3.40 14.38 16.83
CA GLU A 31 -4.28 14.70 17.94
C GLU A 31 -4.62 16.15 17.87
N CYS A 32 -5.90 16.47 18.02
CA CYS A 32 -6.34 17.85 18.07
CA CYS A 32 -6.37 17.84 18.09
C CYS A 32 -6.78 18.04 19.54
N ILE A 33 -6.02 18.81 20.27
CA ILE A 33 -6.26 19.01 21.71
C ILE A 33 -7.56 19.75 22.01
N GLU A 34 -7.95 20.65 21.13
CA GLU A 34 -9.17 21.42 21.29
C GLU A 34 -9.88 21.52 19.94
N ASP A 35 -11.20 21.78 19.95
CA ASP A 35 -11.93 21.99 18.70
C ASP A 35 -11.36 23.26 18.02
N LEU A 36 -11.05 23.17 16.73
CA LEU A 36 -10.55 24.34 16.01
C LEU A 36 -11.58 24.76 14.99
N SER A 37 -11.94 26.05 14.98
CA SER A 37 -13.00 26.53 14.11
C SER A 37 -12.61 26.67 12.65
N GLU A 38 -11.32 26.80 12.36
CA GLU A 38 -10.87 27.03 11.01
C GLU A 38 -10.37 25.74 10.31
N ASP A 39 -9.77 25.88 9.12
CA ASP A 39 -9.37 24.77 8.31
C ASP A 39 -7.93 24.30 8.49
N LEU A 40 -7.77 22.98 8.44
CA LEU A 40 -6.51 22.27 8.51
C LEU A 40 -6.28 21.72 7.10
N GLU A 41 -5.08 21.96 6.54
CA GLU A 41 -4.79 21.49 5.20
C GLU A 41 -3.48 20.70 5.18
N TRP A 42 -3.54 19.46 4.71
CA TRP A 42 -2.35 18.64 4.58
C TRP A 42 -1.92 18.67 3.12
N LYS A 43 -0.63 18.62 2.88
CA LYS A 43 -0.13 18.61 1.50
C LYS A 43 1.05 17.69 1.39
N ILE A 44 1.25 17.09 0.21
CA ILE A 44 2.46 16.32 -0.09
C ILE A 44 3.12 17.08 -1.22
N ILE A 45 4.39 17.45 -1.04
CA ILE A 45 5.13 18.19 -2.04
C ILE A 45 6.35 17.36 -2.41
N TYR A 46 6.55 17.17 -3.71
CA TYR A 46 7.69 16.43 -4.23
C TYR A 46 8.71 17.41 -4.74
N VAL A 47 9.96 17.28 -4.31
CA VAL A 47 11.03 18.17 -4.78
C VAL A 47 11.55 17.57 -6.10
N GLY A 48 11.10 18.12 -7.23
CA GLY A 48 11.57 17.61 -8.52
C GLY A 48 13.04 17.90 -8.74
N SER A 49 13.53 19.01 -8.15
CA SER A 49 14.92 19.39 -8.34
C SER A 49 15.50 20.05 -7.12
N ALA A 50 16.56 19.47 -6.55
CA ALA A 50 17.26 20.11 -5.43
C ALA A 50 17.93 21.43 -5.90
N GLU A 51 18.18 21.61 -7.20
CA GLU A 51 18.79 22.82 -7.76
C GLU A 51 17.83 24.00 -7.79
N SER A 52 16.50 23.75 -7.87
CA SER A 52 15.55 24.83 -7.98
C SER A 52 14.16 24.47 -7.45
N GLU A 53 13.61 25.27 -6.54
CA GLU A 53 12.26 25.11 -5.98
C GLU A 53 11.17 25.25 -7.05
N GLU A 54 11.49 25.84 -8.21
CA GLU A 54 10.54 25.99 -9.30
C GLU A 54 10.01 24.61 -9.78
N TYR A 55 10.74 23.53 -9.52
CA TYR A 55 10.34 22.19 -9.92
C TYR A 55 9.59 21.42 -8.82
N ASP A 56 9.16 22.09 -7.75
CA ASP A 56 8.36 21.41 -6.72
C ASP A 56 7.00 21.08 -7.31
N GLN A 57 6.47 19.90 -6.98
CA GLN A 57 5.15 19.50 -7.45
C GLN A 57 4.28 19.20 -6.26
N VAL A 58 3.16 19.91 -6.12
CA VAL A 58 2.22 19.62 -5.05
C VAL A 58 1.45 18.42 -5.54
N LEU A 59 1.69 17.26 -4.97
CA LEU A 59 1.10 16.02 -5.43
C LEU A 59 -0.36 15.90 -5.05
N ASP A 60 -0.70 16.31 -3.84
CA ASP A 60 -2.09 16.28 -3.40
C ASP A 60 -2.26 17.11 -2.18
N SER A 61 -3.52 17.37 -1.84
CA SER A 61 -3.83 18.14 -0.67
CA SER A 61 -3.83 18.14 -0.66
C SER A 61 -5.16 17.67 -0.08
N VAL A 62 -5.34 17.74 1.24
CA VAL A 62 -6.57 17.31 1.93
C VAL A 62 -6.96 18.44 2.85
N LEU A 63 -8.25 18.82 2.86
CA LEU A 63 -8.72 19.90 3.68
C LEU A 63 -9.86 19.40 4.54
N VAL A 64 -9.87 19.81 5.81
CA VAL A 64 -10.97 19.54 6.75
C VAL A 64 -11.14 20.79 7.59
N GLY A 65 -12.37 21.15 7.90
CA GLY A 65 -12.64 22.28 8.77
C GLY A 65 -14.13 22.33 9.08
N PRO A 66 -14.55 22.68 10.29
CA PRO A 66 -13.71 22.87 11.51
C PRO A 66 -13.06 21.54 11.87
N VAL A 67 -12.04 21.59 12.75
CA VAL A 67 -11.32 20.39 13.14
C VAL A 67 -11.86 19.93 14.50
N PRO A 68 -12.48 18.76 14.57
CA PRO A 68 -12.96 18.27 15.86
C PRO A 68 -11.79 17.86 16.72
N ALA A 69 -11.90 18.10 18.03
CA ALA A 69 -10.88 17.66 18.97
C ALA A 69 -10.85 16.11 18.94
N GLY A 70 -9.75 15.55 19.35
CA GLY A 70 -9.61 14.11 19.42
C GLY A 70 -8.51 13.54 18.58
N ARG A 71 -8.49 12.23 18.51
CA ARG A 71 -7.47 11.52 17.78
C ARG A 71 -7.97 11.20 16.40
N HIS A 72 -7.18 11.53 15.37
CA HIS A 72 -7.61 11.29 14.00
C HIS A 72 -6.53 10.53 13.25
N MET A 73 -6.95 9.71 12.31
CA MET A 73 -6.03 8.92 11.51
C MET A 73 -6.58 8.77 10.10
N PHE A 74 -5.68 8.82 9.12
CA PHE A 74 -6.05 8.66 7.73
C PHE A 74 -4.82 8.31 6.89
N VAL A 75 -5.07 7.69 5.75
CA VAL A 75 -3.99 7.38 4.82
C VAL A 75 -4.03 8.50 3.79
N PHE A 76 -2.96 9.27 3.72
CA PHE A 76 -2.87 10.37 2.78
C PHE A 76 -2.20 9.80 1.54
N GLN A 77 -2.95 9.73 0.41
CA GLN A 77 -2.39 9.18 -0.81
C GLN A 77 -2.24 10.26 -1.88
N ALA A 78 -1.17 10.18 -2.70
CA ALA A 78 -0.99 11.16 -3.76
C ALA A 78 -0.37 10.49 -4.95
N ASP A 79 -0.84 10.82 -6.16
CA ASP A 79 -0.24 10.27 -7.37
C ASP A 79 1.22 10.67 -7.49
N ALA A 80 2.00 9.83 -8.14
CA ALA A 80 3.41 10.08 -8.36
C ALA A 80 3.61 11.38 -9.16
N PRO A 81 4.75 12.05 -8.99
CA PRO A 81 5.00 13.28 -9.75
C PRO A 81 4.98 13.05 -11.25
N ASN A 82 4.77 14.12 -11.99
CA ASN A 82 4.77 14.12 -13.44
C ASN A 82 6.23 14.10 -13.86
N PRO A 83 6.69 13.00 -14.49
CA PRO A 83 8.10 12.91 -14.87
C PRO A 83 8.52 13.93 -15.94
N GLY A 84 7.57 14.43 -16.71
CA GLY A 84 7.81 15.45 -17.74
C GLY A 84 8.29 16.76 -17.15
N LEU A 85 8.05 16.99 -15.83
CA LEU A 85 8.48 18.20 -15.17
C LEU A 85 9.76 18.02 -14.33
N ILE A 86 10.34 16.81 -14.29
CA ILE A 86 11.52 16.52 -13.49
C ILE A 86 12.75 16.64 -14.37
N PRO A 87 13.68 17.55 -14.06
CA PRO A 87 14.90 17.66 -14.87
C PRO A 87 15.67 16.32 -14.91
N ASP A 88 16.22 15.96 -16.09
CA ASP A 88 16.97 14.70 -16.21
C ASP A 88 18.06 14.54 -15.15
N ALA A 89 18.72 15.64 -14.78
CA ALA A 89 19.82 15.61 -13.81
C ALA A 89 19.39 15.17 -12.42
N ASP A 90 18.11 15.32 -12.10
CA ASP A 90 17.56 15.00 -10.79
C ASP A 90 16.76 13.72 -10.72
N ALA A 91 16.43 13.13 -11.87
CA ALA A 91 15.58 11.97 -11.91
C ALA A 91 16.12 10.76 -11.17
N VAL A 92 17.38 10.41 -11.38
CA VAL A 92 17.97 9.26 -10.74
C VAL A 92 18.80 9.69 -9.52
N GLY A 93 18.51 9.08 -8.39
CA GLY A 93 19.23 9.36 -7.17
C GLY A 93 18.34 9.90 -6.08
N VAL A 94 18.96 10.55 -5.12
CA VAL A 94 18.26 11.07 -3.97
C VAL A 94 17.59 12.38 -4.27
N THR A 95 16.35 12.49 -3.80
CA THR A 95 15.60 13.74 -3.80
C THR A 95 14.82 13.81 -2.47
N VAL A 96 13.85 14.74 -2.34
CA VAL A 96 13.10 14.91 -1.10
C VAL A 96 11.59 14.95 -1.38
N VAL A 97 10.79 14.39 -0.46
CA VAL A 97 9.35 14.51 -0.46
C VAL A 97 8.99 15.08 0.93
N LEU A 98 8.04 16.02 0.95
CA LEU A 98 7.61 16.69 2.16
C LEU A 98 6.13 16.48 2.40
N ILE A 99 5.75 16.44 3.68
CA ILE A 99 4.36 16.44 4.08
C ILE A 99 4.27 17.67 4.97
N THR A 100 3.35 18.56 4.68
CA THR A 100 3.18 19.75 5.51
C THR A 100 1.75 19.84 5.99
N CYS A 101 1.53 20.54 7.10
CA CYS A 101 0.17 20.79 7.55
C CYS A 101 0.07 22.26 7.93
N THR A 102 -1.02 22.89 7.53
CA THR A 102 -1.26 24.28 7.83
C THR A 102 -2.58 24.41 8.57
N TYR A 103 -2.70 25.42 9.45
CA TYR A 103 -3.93 25.74 10.14
C TYR A 103 -4.17 27.23 9.90
N ARG A 104 -5.32 27.60 9.29
CA ARG A 104 -5.63 28.98 8.88
C ARG A 104 -4.50 29.52 7.96
N GLY A 105 -3.99 28.69 7.06
CA GLY A 105 -2.92 29.10 6.15
C GLY A 105 -1.53 29.17 6.75
N GLN A 106 -1.37 28.88 8.05
CA GLN A 106 -0.05 28.94 8.68
C GLN A 106 0.57 27.54 8.81
N GLU A 107 1.72 27.33 8.20
CA GLU A 107 2.42 26.04 8.27
C GLU A 107 2.99 25.81 9.67
N PHE A 108 2.52 24.77 10.36
CA PHE A 108 2.97 24.47 11.72
C PHE A 108 3.83 23.22 11.82
N ILE A 109 3.85 22.37 10.78
CA ILE A 109 4.68 21.18 10.78
C ILE A 109 5.07 20.80 9.37
N ARG A 110 6.30 20.34 9.23
CA ARG A 110 6.85 19.86 7.97
C ARG A 110 7.61 18.60 8.28
N VAL A 111 7.32 17.53 7.55
CA VAL A 111 7.96 16.25 7.74
C VAL A 111 8.64 15.94 6.39
N GLY A 112 9.96 15.91 6.39
CA GLY A 112 10.72 15.67 5.17
C GLY A 112 11.38 14.31 5.15
N TYR A 113 11.35 13.66 3.99
CA TYR A 113 12.03 12.40 3.81
C TYR A 113 12.94 12.48 2.64
N TYR A 114 14.09 11.81 2.73
CA TYR A 114 14.91 11.61 1.54
C TYR A 114 14.21 10.47 0.76
N VAL A 115 14.30 10.52 -0.56
CA VAL A 115 13.68 9.56 -1.46
C VAL A 115 14.78 9.15 -2.44
N ASN A 116 15.04 7.87 -2.58
CA ASN A 116 16.07 7.41 -3.50
C ASN A 116 15.42 6.72 -4.69
N ASN A 117 15.56 7.29 -5.91
CA ASN A 117 14.97 6.70 -7.13
C ASN A 117 16.12 6.02 -7.89
N GLU A 118 16.07 4.70 -8.01
CA GLU A 118 17.17 3.96 -8.64
C GLU A 118 16.68 2.84 -9.55
N TYR A 119 17.48 2.51 -10.57
CA TYR A 119 17.18 1.34 -11.40
C TYR A 119 17.45 0.07 -10.55
N THR A 120 16.78 -1.07 -10.85
CA THR A 120 17.00 -2.31 -10.09
C THR A 120 17.62 -3.43 -10.93
N GLU A 121 17.70 -3.25 -12.25
CA GLU A 121 18.33 -4.24 -13.12
C GLU A 121 19.76 -3.85 -13.38
N THR A 122 20.66 -4.86 -13.37
CA THR A 122 22.09 -4.74 -13.55
C THR A 122 22.45 -3.92 -14.77
N GLU A 123 21.91 -4.24 -15.97
CA GLU A 123 22.23 -3.51 -17.21
C GLU A 123 21.99 -2.00 -17.08
N LEU A 124 20.86 -1.60 -16.46
CA LEU A 124 20.54 -0.18 -16.29
C LEU A 124 21.38 0.49 -15.21
N ARG A 125 21.72 -0.24 -14.13
CA ARG A 125 22.57 0.33 -13.09
C ARG A 125 24.03 0.53 -13.63
N GLU A 126 24.46 -0.33 -14.58
CA GLU A 126 25.80 -0.26 -15.18
C GLU A 126 25.86 0.65 -16.41
N ASN A 127 24.73 0.81 -17.09
CA ASN A 127 24.67 1.65 -18.28
C ASN A 127 23.38 2.49 -18.18
N PRO A 128 23.31 3.46 -17.26
CA PRO A 128 22.06 4.26 -17.15
C PRO A 128 21.77 5.03 -18.41
N PRO A 129 20.52 5.00 -18.89
CA PRO A 129 20.22 5.70 -20.15
C PRO A 129 20.40 7.20 -20.01
N VAL A 130 20.86 7.86 -21.09
CA VAL A 130 21.06 9.31 -21.05
C VAL A 130 19.74 10.06 -20.78
N LYS A 131 18.61 9.50 -21.20
CA LYS A 131 17.29 10.02 -20.84
C LYS A 131 16.74 9.06 -19.78
N PRO A 132 16.33 9.54 -18.61
CA PRO A 132 15.85 8.61 -17.55
C PRO A 132 14.64 7.79 -17.97
N ASP A 133 14.61 6.53 -17.56
CA ASP A 133 13.51 5.64 -17.88
C ASP A 133 12.72 5.44 -16.61
N PHE A 134 11.70 6.28 -16.41
CA PHE A 134 10.90 6.24 -15.19
C PHE A 134 10.15 4.93 -14.99
N SER A 135 9.80 4.21 -16.09
CA SER A 135 9.12 2.92 -15.94
C SER A 135 10.02 1.85 -15.28
N LYS A 136 11.34 2.08 -15.26
CA LYS A 136 12.31 1.17 -14.67
C LYS A 136 12.89 1.66 -13.33
N LEU A 137 12.43 2.83 -12.83
CA LEU A 137 12.94 3.35 -11.58
C LEU A 137 12.14 2.82 -10.39
N GLN A 138 12.85 2.45 -9.31
CA GLN A 138 12.25 2.06 -8.04
C GLN A 138 12.37 3.26 -7.05
N ARG A 139 11.28 3.64 -6.42
CA ARG A 139 11.28 4.67 -5.41
C ARG A 139 11.49 4.04 -4.04
N ASN A 140 12.51 4.49 -3.31
CA ASN A 140 12.74 4.03 -1.94
C ASN A 140 12.75 5.24 -1.01
N ILE A 141 11.68 5.44 -0.25
CA ILE A 141 11.59 6.53 0.72
C ILE A 141 12.39 6.13 1.95
N LEU A 142 13.28 6.99 2.41
CA LEU A 142 14.11 6.67 3.57
C LEU A 142 13.33 7.00 4.82
N ALA A 143 12.45 6.09 5.14
CA ALA A 143 11.41 6.24 6.14
C ALA A 143 11.86 6.21 7.59
N SER A 144 13.00 5.57 7.88
CA SER A 144 13.44 5.44 9.27
C SER A 144 13.82 6.76 9.94
N ASN A 145 14.21 7.80 9.17
CA ASN A 145 14.58 9.06 9.83
C ASN A 145 14.03 10.30 9.15
N PRO A 146 12.74 10.63 9.34
CA PRO A 146 12.24 11.88 8.75
C PRO A 146 12.76 13.09 9.51
N ARG A 147 12.86 14.21 8.82
CA ARG A 147 13.26 15.46 9.44
C ARG A 147 11.97 16.13 9.80
N VAL A 148 11.69 16.30 11.09
CA VAL A 148 10.48 16.95 11.52
C VAL A 148 10.77 18.39 11.95
N THR A 149 10.16 19.36 11.31
CA THR A 149 10.32 20.76 11.67
C THR A 149 8.96 21.28 12.12
N ARG A 150 8.92 21.93 13.29
CA ARG A 150 7.67 22.52 13.78
C ARG A 150 7.83 24.04 13.82
N PHE A 151 6.74 24.77 13.61
CA PHE A 151 6.77 26.22 13.60
C PHE A 151 5.70 26.75 14.54
N HIS A 152 6.02 27.80 15.28
CA HIS A 152 5.07 28.45 16.16
C HIS A 152 4.07 29.20 15.29
N ILE A 153 2.78 28.97 15.49
CA ILE A 153 1.75 29.67 14.73
C ILE A 153 0.69 30.21 15.70
N ASN A 154 -0.27 30.99 15.19
CA ASN A 154 -1.37 31.50 16.00
C ASN A 154 -2.54 30.52 15.88
N TRP A 155 -2.83 29.80 16.94
CA TRP A 155 -3.95 28.83 16.96
C TRP A 155 -5.31 29.45 17.30
N GLU A 156 -5.32 30.72 17.72
CA GLU A 156 -6.53 31.44 18.10
C GLU A 156 -6.83 32.50 17.06
N MET B 3 6.26 -24.93 -20.97
CA MET B 3 6.03 -23.95 -19.91
C MET B 3 4.53 -23.80 -19.57
N ALA B 4 4.22 -23.18 -18.42
CA ALA B 4 2.82 -22.96 -18.01
C ALA B 4 2.08 -22.14 -19.07
N LYS B 5 0.91 -22.62 -19.53
CA LYS B 5 0.12 -21.91 -20.54
C LYS B 5 -0.52 -20.61 -19.99
N VAL B 6 -0.65 -20.48 -18.66
CA VAL B 6 -1.13 -19.25 -18.05
C VAL B 6 -0.04 -18.76 -17.10
N GLN B 7 0.38 -17.51 -17.28
CA GLN B 7 1.42 -16.93 -16.43
C GLN B 7 0.84 -15.69 -15.78
N VAL B 8 0.99 -15.54 -14.48
CA VAL B 8 0.52 -14.37 -13.77
C VAL B 8 1.62 -13.34 -13.75
N ASN B 9 1.40 -12.23 -14.44
CA ASN B 9 2.43 -11.21 -14.60
C ASN B 9 2.50 -10.27 -13.41
N ASN B 10 1.34 -9.93 -12.83
CA ASN B 10 1.32 -8.96 -11.75
C ASN B 10 0.03 -9.09 -10.94
N VAL B 11 0.12 -8.81 -9.64
CA VAL B 11 -1.02 -8.75 -8.74
C VAL B 11 -0.80 -7.47 -7.94
N VAL B 12 -1.72 -6.53 -8.08
CA VAL B 12 -1.63 -5.27 -7.35
C VAL B 12 -2.73 -5.26 -6.29
N VAL B 13 -2.35 -5.10 -5.03
CA VAL B 13 -3.32 -5.06 -3.96
C VAL B 13 -3.90 -3.65 -3.88
N LEU B 14 -5.19 -3.51 -4.10
CA LEU B 14 -5.86 -2.21 -4.08
C LEU B 14 -6.57 -1.94 -2.75
N ASP B 15 -6.89 -0.64 -2.47
CA ASP B 15 -7.57 -0.20 -1.24
C ASP B 15 -6.93 -0.83 0.01
N ASN B 16 -5.65 -0.56 0.20
CA ASN B 16 -4.88 -1.17 1.26
C ASN B 16 -3.91 -0.16 1.85
N PRO B 17 -3.89 0.02 3.17
CA PRO B 17 -4.74 -0.66 4.18
C PRO B 17 -6.19 -0.17 4.13
N SER B 18 -7.07 -0.83 4.88
CA SER B 18 -8.49 -0.47 4.87
C SER B 18 -9.16 -0.98 6.13
N PRO B 19 -10.38 -0.51 6.48
CA PRO B 19 -11.13 -1.15 7.56
C PRO B 19 -11.30 -2.65 7.22
N PHE B 20 -11.41 -3.47 8.25
CA PHE B 20 -11.59 -4.90 8.15
C PHE B 20 -12.79 -5.27 7.25
N TYR B 21 -13.89 -4.52 7.37
CA TYR B 21 -15.13 -4.79 6.65
C TYR B 21 -15.12 -4.45 5.14
N ASN B 22 -14.08 -3.77 4.65
CA ASN B 22 -14.01 -3.43 3.23
C ASN B 22 -13.72 -4.65 2.37
N PRO B 23 -14.26 -4.70 1.14
CA PRO B 23 -13.96 -5.84 0.28
C PRO B 23 -12.47 -5.85 -0.10
N PHE B 24 -11.96 -7.02 -0.37
CA PHE B 24 -10.61 -7.21 -0.91
C PHE B 24 -10.67 -6.80 -2.40
N GLN B 25 -9.61 -6.25 -2.95
CA GLN B 25 -9.54 -5.89 -4.38
C GLN B 25 -8.13 -6.16 -4.85
N PHE B 26 -7.97 -7.06 -5.82
CA PHE B 26 -6.66 -7.43 -6.34
C PHE B 26 -6.71 -7.24 -7.84
N GLU B 27 -5.87 -6.36 -8.40
CA GLU B 27 -5.85 -6.18 -9.84
C GLU B 27 -4.83 -7.17 -10.40
N ILE B 28 -5.33 -8.12 -11.16
CA ILE B 28 -4.53 -9.20 -11.67
C ILE B 28 -4.30 -9.08 -13.17
N THR B 29 -3.03 -9.21 -13.59
CA THR B 29 -2.67 -9.24 -15.01
C THR B 29 -2.07 -10.59 -15.27
N PHE B 30 -2.57 -11.27 -16.28
CA PHE B 30 -2.08 -12.59 -16.63
C PHE B 30 -2.02 -12.75 -18.14
N GLU B 31 -1.19 -13.69 -18.58
CA GLU B 31 -1.00 -13.97 -19.99
C GLU B 31 -1.38 -15.40 -20.25
N CYS B 32 -2.16 -15.62 -21.29
CA CYS B 32 -2.51 -16.95 -21.72
CA CYS B 32 -2.50 -16.97 -21.71
C CYS B 32 -1.75 -17.15 -23.02
N ILE B 33 -0.73 -18.00 -23.02
CA ILE B 33 0.15 -18.20 -24.18
C ILE B 33 -0.57 -18.84 -25.37
N GLU B 34 -1.54 -19.69 -25.10
CA GLU B 34 -2.30 -20.35 -26.13
C GLU B 34 -3.78 -20.38 -25.75
N ASP B 35 -4.69 -20.55 -26.72
CA ASP B 35 -6.12 -20.70 -26.40
C ASP B 35 -6.29 -22.01 -25.62
N LEU B 36 -7.03 -22.00 -24.51
CA LEU B 36 -7.27 -23.20 -23.73
C LEU B 36 -8.73 -23.52 -23.83
N SER B 37 -9.09 -24.75 -24.13
CA SER B 37 -10.48 -25.12 -24.35
C SER B 37 -11.31 -25.26 -23.09
N GLU B 38 -10.69 -25.49 -21.94
CA GLU B 38 -11.40 -25.72 -20.69
C GLU B 38 -11.48 -24.47 -19.79
N ASP B 39 -11.94 -24.66 -18.53
CA ASP B 39 -12.19 -23.55 -17.62
C ASP B 39 -11.05 -23.19 -16.67
N LEU B 40 -10.87 -21.89 -16.48
CA LEU B 40 -9.93 -21.28 -15.58
C LEU B 40 -10.76 -20.72 -14.43
N GLU B 41 -10.38 -21.03 -13.18
CA GLU B 41 -11.11 -20.54 -12.04
C GLU B 41 -10.18 -19.85 -11.04
N TRP B 42 -10.48 -18.60 -10.71
CA TRP B 42 -9.72 -17.86 -9.73
C TRP B 42 -10.49 -17.88 -8.42
N LYS B 43 -9.79 -17.89 -7.29
CA LYS B 43 -10.46 -17.90 -5.99
C LYS B 43 -9.67 -17.06 -5.02
N ILE B 44 -10.37 -16.45 -4.05
CA ILE B 44 -9.72 -15.77 -2.93
C ILE B 44 -10.15 -16.56 -1.70
N ILE B 45 -9.18 -17.02 -0.90
CA ILE B 45 -9.47 -17.80 0.27
C ILE B 45 -8.86 -17.09 1.45
N TYR B 46 -9.67 -16.85 2.49
CA TYR B 46 -9.23 -16.20 3.71
C TYR B 46 -8.99 -17.26 4.76
N VAL B 47 -7.80 -17.24 5.38
CA VAL B 47 -7.50 -18.21 6.43
C VAL B 47 -8.05 -17.62 7.74
N GLY B 48 -9.21 -18.11 8.18
CA GLY B 48 -9.79 -17.62 9.42
C GLY B 48 -8.97 -18.06 10.61
N SER B 49 -8.30 -19.23 10.52
CA SER B 49 -7.53 -19.73 11.62
C SER B 49 -6.28 -20.46 11.16
N ALA B 50 -5.11 -19.99 11.57
CA ALA B 50 -3.86 -20.71 11.27
C ALA B 50 -3.83 -22.09 12.01
N GLU B 51 -4.63 -22.26 13.08
CA GLU B 51 -4.67 -23.51 13.83
C GLU B 51 -5.50 -24.60 13.14
N SER B 52 -6.44 -24.22 12.24
CA SER B 52 -7.29 -25.21 11.60
C SER B 52 -7.83 -24.73 10.25
N GLU B 53 -7.61 -25.54 9.19
CA GLU B 53 -8.12 -25.25 7.84
C GLU B 53 -9.65 -25.24 7.77
N GLU B 54 -10.32 -25.81 8.77
CA GLU B 54 -11.77 -25.82 8.92
C GLU B 54 -12.35 -24.41 8.84
N TYR B 55 -11.58 -23.40 9.23
CA TYR B 55 -12.03 -22.01 9.27
C TYR B 55 -11.68 -21.20 8.01
N ASP B 56 -11.26 -21.86 6.93
CA ASP B 56 -10.98 -21.16 5.69
C ASP B 56 -12.33 -20.69 5.12
N GLN B 57 -12.35 -19.47 4.56
CA GLN B 57 -13.55 -18.95 3.95
C GLN B 57 -13.22 -18.61 2.49
N VAL B 58 -13.95 -19.22 1.55
CA VAL B 58 -13.77 -18.90 0.14
C VAL B 58 -14.56 -17.63 -0.04
N LEU B 59 -13.87 -16.51 -0.22
CA LEU B 59 -14.53 -15.23 -0.30
C LEU B 59 -15.21 -14.99 -1.61
N ASP B 60 -14.60 -15.43 -2.69
CA ASP B 60 -15.22 -15.29 -4.02
C ASP B 60 -14.49 -16.14 -5.00
N SER B 61 -15.10 -16.29 -6.17
CA SER B 61 -14.50 -17.09 -7.23
CA SER B 61 -14.50 -17.09 -7.23
C SER B 61 -14.94 -16.53 -8.58
N VAL B 62 -14.10 -16.66 -9.61
CA VAL B 62 -14.40 -16.16 -10.97
C VAL B 62 -14.08 -17.29 -11.93
N LEU B 63 -14.97 -17.56 -12.88
CA LEU B 63 -14.78 -18.65 -13.82
C LEU B 63 -14.85 -18.13 -15.24
N VAL B 64 -14.00 -18.67 -16.10
CA VAL B 64 -13.99 -18.34 -17.51
C VAL B 64 -13.64 -19.59 -18.28
N GLY B 65 -14.26 -19.76 -19.44
CA GLY B 65 -13.89 -20.87 -20.30
C GLY B 65 -14.65 -20.79 -21.61
N PRO B 66 -14.03 -21.12 -22.75
CA PRO B 66 -12.60 -21.37 -22.94
C PRO B 66 -11.80 -20.09 -22.62
N VAL B 67 -10.47 -20.23 -22.48
CA VAL B 67 -9.63 -19.10 -22.15
C VAL B 67 -8.98 -18.59 -23.43
N PRO B 68 -9.27 -17.35 -23.84
CA PRO B 68 -8.63 -16.84 -25.05
C PRO B 68 -7.18 -16.53 -24.76
N ALA B 69 -6.32 -16.80 -25.75
CA ALA B 69 -4.91 -16.44 -25.63
C ALA B 69 -4.80 -14.90 -25.52
N GLY B 70 -3.70 -14.43 -24.96
CA GLY B 70 -3.43 -13.01 -24.89
C GLY B 70 -3.25 -12.49 -23.50
N ARG B 71 -3.17 -11.18 -23.38
CA ARG B 71 -2.96 -10.53 -22.12
C ARG B 71 -4.29 -10.12 -21.55
N HIS B 72 -4.57 -10.51 -20.29
CA HIS B 72 -5.84 -10.20 -19.66
C HIS B 72 -5.60 -9.50 -18.35
N MET B 73 -6.53 -8.63 -17.97
CA MET B 73 -6.44 -7.89 -16.73
C MET B 73 -7.83 -7.68 -16.17
N PHE B 74 -7.96 -7.81 -14.85
CA PHE B 74 -9.24 -7.60 -14.19
C PHE B 74 -9.02 -7.33 -12.70
N VAL B 75 -10.00 -6.70 -12.07
CA VAL B 75 -9.94 -6.46 -10.64
C VAL B 75 -10.80 -7.55 -10.03
N PHE B 76 -10.17 -8.40 -9.24
CA PHE B 76 -10.87 -9.50 -8.57
C PHE B 76 -11.27 -8.94 -7.20
N GLN B 77 -12.58 -8.79 -6.97
CA GLN B 77 -13.07 -8.26 -5.70
C GLN B 77 -13.80 -9.32 -4.90
N ALA B 78 -13.67 -9.29 -3.56
CA ALA B 78 -14.38 -10.25 -2.72
C ALA B 78 -14.79 -9.60 -1.44
N ASP B 79 -16.01 -9.86 -0.96
CA ASP B 79 -16.45 -9.32 0.32
C ASP B 79 -15.56 -9.82 1.46
N ALA B 80 -15.44 -9.02 2.50
CA ALA B 80 -14.65 -9.38 3.68
C ALA B 80 -15.19 -10.67 4.32
N PRO B 81 -14.35 -11.42 5.01
CA PRO B 81 -14.84 -12.66 5.65
C PRO B 81 -15.91 -12.35 6.70
N ASN B 82 -16.68 -13.36 7.01
CA ASN B 82 -17.72 -13.30 8.02
C ASN B 82 -17.01 -13.41 9.39
N PRO B 83 -17.05 -12.32 10.20
CA PRO B 83 -16.35 -12.36 11.50
C PRO B 83 -16.93 -13.39 12.47
N GLY B 84 -18.20 -13.75 12.29
CA GLY B 84 -18.87 -14.75 13.12
C GLY B 84 -18.23 -16.13 13.00
N LEU B 85 -17.47 -16.38 11.91
CA LEU B 85 -16.82 -17.66 11.70
C LEU B 85 -15.30 -17.66 12.06
N ILE B 86 -14.77 -16.52 12.51
CA ILE B 86 -13.35 -16.38 12.82
C ILE B 86 -13.16 -16.61 14.31
N PRO B 87 -12.39 -17.61 14.72
CA PRO B 87 -12.14 -17.83 16.15
C PRO B 87 -11.53 -16.59 16.80
N ASP B 88 -12.00 -16.23 18.02
CA ASP B 88 -11.45 -15.04 18.71
C ASP B 88 -9.93 -15.02 18.76
N ALA B 89 -9.31 -16.19 18.97
CA ALA B 89 -7.86 -16.29 19.11
C ALA B 89 -7.08 -15.87 17.87
N ASP B 90 -7.72 -15.90 16.71
CA ASP B 90 -7.10 -15.58 15.44
C ASP B 90 -7.48 -14.24 14.87
N ALA B 91 -8.53 -13.60 15.41
CA ALA B 91 -9.04 -12.38 14.82
C ALA B 91 -8.04 -11.24 14.72
N VAL B 92 -7.30 -10.98 15.78
CA VAL B 92 -6.37 -9.87 15.83
C VAL B 92 -4.96 -10.36 15.55
N GLY B 93 -4.31 -9.68 14.65
CA GLY B 93 -2.94 -9.97 14.31
C GLY B 93 -2.77 -10.47 12.91
N VAL B 94 -1.67 -11.20 12.70
CA VAL B 94 -1.39 -11.71 11.40
C VAL B 94 -2.19 -12.95 11.08
N THR B 95 -2.74 -12.98 9.86
CA THR B 95 -3.33 -14.17 9.29
C THR B 95 -2.92 -14.20 7.79
N VAL B 96 -3.54 -15.04 6.95
CA VAL B 96 -3.17 -15.19 5.56
C VAL B 96 -4.40 -15.12 4.67
N VAL B 97 -4.22 -14.52 3.47
CA VAL B 97 -5.21 -14.53 2.39
C VAL B 97 -4.48 -15.11 1.19
N LEU B 98 -5.17 -15.96 0.43
CA LEU B 98 -4.61 -16.63 -0.72
C LEU B 98 -5.43 -16.30 -1.96
N ILE B 99 -4.74 -16.24 -3.10
CA ILE B 99 -5.38 -16.16 -4.41
C ILE B 99 -4.89 -17.40 -5.11
N THR B 100 -5.79 -18.22 -5.62
CA THR B 100 -5.38 -19.41 -6.35
C THR B 100 -6.00 -19.39 -7.73
N CYS B 101 -5.38 -20.12 -8.67
CA CYS B 101 -6.00 -20.26 -9.97
C CYS B 101 -5.88 -21.73 -10.35
N THR B 102 -6.97 -22.28 -10.91
CA THR B 102 -6.99 -23.65 -11.36
C THR B 102 -7.35 -23.69 -12.83
N TYR B 103 -6.88 -24.70 -13.55
CA TYR B 103 -7.22 -24.93 -14.94
C TYR B 103 -7.66 -26.41 -15.02
N ARG B 104 -8.92 -26.68 -15.46
CA ARG B 104 -9.50 -28.03 -15.46
C ARG B 104 -9.42 -28.65 -14.04
N GLY B 105 -9.67 -27.86 -13.01
CA GLY B 105 -9.63 -28.33 -11.64
C GLY B 105 -8.25 -28.51 -11.04
N GLN B 106 -7.16 -28.24 -11.82
CA GLN B 106 -5.80 -28.40 -11.30
C GLN B 106 -5.22 -27.06 -10.86
N GLU B 107 -4.89 -26.93 -9.56
CA GLU B 107 -4.29 -25.70 -9.05
C GLU B 107 -2.86 -25.54 -9.58
N PHE B 108 -2.62 -24.47 -10.34
CA PHE B 108 -1.29 -24.23 -10.93
C PHE B 108 -0.56 -23.05 -10.30
N ILE B 109 -1.25 -22.19 -9.54
CA ILE B 109 -0.61 -21.07 -8.88
C ILE B 109 -1.36 -20.70 -7.62
N ARG B 110 -0.59 -20.36 -6.61
CA ARG B 110 -1.10 -19.89 -5.33
C ARG B 110 -0.28 -18.69 -4.93
N VAL B 111 -0.94 -17.58 -4.64
CA VAL B 111 -0.27 -16.37 -4.25
C VAL B 111 -0.77 -16.08 -2.81
N GLY B 112 0.13 -16.17 -1.84
CA GLY B 112 -0.24 -15.94 -0.46
C GLY B 112 0.30 -14.64 0.10
N TYR B 113 -0.53 -13.97 0.88
CA TYR B 113 -0.14 -12.74 1.53
C TYR B 113 -0.36 -12.88 2.99
N TYR B 114 0.54 -12.30 3.79
CA TYR B 114 0.26 -12.13 5.19
C TYR B 114 -0.69 -10.92 5.27
N VAL B 115 -1.63 -10.95 6.20
CA VAL B 115 -2.61 -9.88 6.37
C VAL B 115 -2.60 -9.55 7.85
N ASN B 116 -2.33 -8.31 8.21
CA ASN B 116 -2.24 -7.91 9.60
C ASN B 116 -3.47 -7.14 9.94
N ASN B 117 -4.34 -7.76 10.75
CA ASN B 117 -5.58 -7.14 11.24
C ASN B 117 -5.26 -6.54 12.59
N GLU B 118 -5.12 -5.23 12.65
CA GLU B 118 -4.67 -4.61 13.88
C GLU B 118 -5.51 -3.49 14.38
N TYR B 119 -5.45 -3.29 15.69
CA TYR B 119 -6.02 -2.12 16.30
C TYR B 119 -4.99 -1.02 16.02
N THR B 120 -5.47 0.15 15.67
CA THR B 120 -4.57 1.28 15.39
C THR B 120 -4.36 2.24 16.57
N GLU B 121 -5.02 2.00 17.70
CA GLU B 121 -4.88 2.82 18.88
C GLU B 121 -3.97 2.07 19.88
N THR B 122 -3.04 2.78 20.51
CA THR B 122 -2.08 2.20 21.45
C THR B 122 -2.71 1.39 22.58
N GLU B 123 -3.72 1.96 23.27
CA GLU B 123 -4.38 1.27 24.38
C GLU B 123 -4.98 -0.07 23.96
N LEU B 124 -5.64 -0.09 22.80
CA LEU B 124 -6.23 -1.30 22.29
C LEU B 124 -5.18 -2.32 21.90
N ARG B 125 -4.10 -1.90 21.23
CA ARG B 125 -3.06 -2.87 20.86
C ARG B 125 -2.43 -3.51 22.09
N GLU B 126 -2.24 -2.71 23.14
CA GLU B 126 -1.62 -3.16 24.37
C GLU B 126 -2.56 -3.92 25.29
N ASN B 127 -3.85 -3.63 25.22
CA ASN B 127 -4.86 -4.26 26.07
C ASN B 127 -6.06 -4.63 25.18
N PRO B 128 -5.91 -5.62 24.30
CA PRO B 128 -6.99 -5.95 23.38
C PRO B 128 -8.24 -6.42 24.10
N PRO B 129 -9.44 -6.00 23.65
CA PRO B 129 -10.66 -6.49 24.31
C PRO B 129 -10.77 -8.01 24.25
N VAL B 130 -11.37 -8.63 25.29
CA VAL B 130 -11.45 -10.09 25.35
C VAL B 130 -12.25 -10.65 24.14
N LYS B 131 -13.21 -9.90 23.64
CA LYS B 131 -13.93 -10.26 22.42
C LYS B 131 -13.40 -9.29 21.34
N PRO B 132 -12.95 -9.78 20.19
CA PRO B 132 -12.41 -8.86 19.17
C PRO B 132 -13.43 -7.86 18.66
N ASP B 133 -12.98 -6.61 18.44
CA ASP B 133 -13.87 -5.59 17.93
C ASP B 133 -13.50 -5.33 16.49
N PHE B 134 -14.17 -6.02 15.58
CA PHE B 134 -13.88 -5.95 14.14
C PHE B 134 -14.11 -4.55 13.56
N SER B 135 -15.01 -3.75 14.15
CA SER B 135 -15.23 -2.38 13.65
C SER B 135 -13.99 -1.48 13.89
N LYS B 136 -13.07 -1.88 14.81
CA LYS B 136 -11.86 -1.13 15.12
C LYS B 136 -10.57 -1.73 14.51
N LEU B 137 -10.71 -2.82 13.74
CA LEU B 137 -9.55 -3.44 13.14
C LEU B 137 -9.28 -2.83 11.79
N GLN B 138 -8.03 -2.54 11.52
CA GLN B 138 -7.58 -2.11 10.21
C GLN B 138 -6.91 -3.33 9.57
N ARG B 139 -7.28 -3.64 8.35
CA ARG B 139 -6.65 -4.68 7.56
C ARG B 139 -5.48 -4.13 6.79
N ASN B 140 -4.31 -4.69 7.03
N ASN B 140 -4.29 -4.68 7.00
CA ASN B 140 -3.06 -4.33 6.35
CA ASN B 140 -3.13 -4.28 6.20
C ASN B 140 -2.55 -5.55 5.59
C ASN B 140 -2.56 -5.52 5.56
N ILE B 141 -2.78 -5.66 4.27
CA ILE B 141 -2.25 -6.79 3.51
C ILE B 141 -0.77 -6.50 3.23
N LEU B 142 0.12 -7.43 3.54
CA LEU B 142 1.55 -7.22 3.35
C LEU B 142 1.89 -7.52 1.91
N ALA B 143 1.58 -6.55 1.08
CA ALA B 143 1.56 -6.64 -0.36
C ALA B 143 2.91 -6.68 -1.03
N SER B 144 3.95 -6.13 -0.40
CA SER B 144 5.27 -6.06 -1.05
C SER B 144 5.92 -7.40 -1.30
N ASN B 145 5.60 -8.45 -0.51
CA ASN B 145 6.25 -9.74 -0.77
C ASN B 145 5.30 -10.93 -0.64
N PRO B 146 4.52 -11.20 -1.70
CA PRO B 146 3.65 -12.38 -1.66
C PRO B 146 4.49 -13.66 -1.80
N ARG B 147 4.02 -14.78 -1.25
CA ARG B 147 4.69 -16.05 -1.45
C ARG B 147 4.00 -16.67 -2.66
N VAL B 148 4.73 -16.81 -3.77
CA VAL B 148 4.15 -17.37 -4.98
C VAL B 148 4.57 -18.83 -5.10
N THR B 149 3.61 -19.74 -5.13
CA THR B 149 3.90 -21.16 -5.33
C THR B 149 3.26 -21.57 -6.65
N ARG B 150 4.04 -22.23 -7.51
CA ARG B 150 3.53 -22.71 -8.79
C ARG B 150 3.57 -24.24 -8.77
N PHE B 151 2.62 -24.87 -9.47
CA PHE B 151 2.55 -26.32 -9.55
C PHE B 151 2.48 -26.74 -10.99
N HIS B 152 3.19 -27.80 -11.36
CA HIS B 152 3.14 -28.31 -12.72
C HIS B 152 1.79 -28.99 -12.90
N ILE B 153 1.06 -28.64 -13.96
CA ILE B 153 -0.23 -29.26 -14.23
C ILE B 153 -0.28 -29.73 -15.71
N ASN B 154 -1.36 -30.41 -16.09
CA ASN B 154 -1.55 -30.85 -17.46
C ASN B 154 -2.39 -29.79 -18.16
N TRP B 155 -1.80 -29.06 -19.09
CA TRP B 155 -2.51 -28.02 -19.85
C TRP B 155 -3.24 -28.53 -21.10
N GLU B 156 -3.20 -29.85 -21.37
CA GLU B 156 -3.87 -30.41 -22.54
C GLU B 156 -5.41 -30.51 -22.42
N GLU C 1 25.04 22.77 -8.81
CA GLU C 1 24.01 23.55 -8.13
C GLU C 1 23.21 22.73 -7.09
N LYS C 2 23.67 21.51 -6.76
CA LYS C 2 23.06 20.57 -5.84
C LYS C 2 23.51 20.79 -4.38
CB QQB C 3 26.64 21.29 -2.73
O QQB C 3 22.85 22.63 -0.51
C QQB C 3 22.65 23.23 -1.57
NM QQB C 3 23.57 23.50 -2.48
CM QQB C 3 24.97 23.12 -2.32
CA QQB C 3 25.16 21.66 -2.79
N QQB C 3 24.66 21.42 -4.15
CG1 QQB C 3 26.86 19.82 -2.98
CD2 QQB C 3 26.76 18.88 -1.85
CG2 QQB C 3 26.45 19.28 -0.56
CD3 QQB C 3 26.35 18.33 0.46
CE3 QQB C 3 26.60 16.98 0.21
CZ2 QQB C 3 26.89 16.55 -1.07
CE2 QQB C 3 26.95 17.44 -2.12
CZ1 QQB C 3 27.26 17.03 -3.41
CE1 QQB C 3 27.31 17.95 -4.46
CD1 QQB C 3 27.12 19.32 -4.25
N OUR C 4 21.43 23.65 -1.90
CA OUR C 4 20.27 23.40 -1.04
C OUR C 4 19.96 20.06 -1.16
O OUR C 4 19.08 20.03 -0.30
CB OUR C 4 19.52 24.69 -0.79
CG OUR C 4 18.57 24.64 0.38
CD OUR C 4 18.07 26.03 0.74
NE OUR C 4 17.49 26.02 2.08
CZ OUR C 4 16.23 25.67 2.36
NH1 OUR C 4 15.81 25.67 3.63
NH2 OUR C 4 15.40 25.32 1.39
CM OUR C 4 19.37 22.36 -1.75
N2 OUR C 4 20.15 21.13 -1.93
CA URL C 5 20.64 17.78 -0.56
C URL C 5 20.92 19.10 2.32
O URL C 5 20.07 18.27 2.71
CB URL C 5 20.70 16.55 -1.47
C2 URL C 5 21.69 17.65 0.56
N URL C 5 20.76 19.01 -1.37
N2 URL C 5 21.74 18.90 1.33
C1 URL C 5 19.48 16.08 -2.28
C3 URL C 5 19.86 16.05 -3.74
C4 URL C 5 18.16 16.79 -2.03
O QQ8 C 6 16.56 21.94 3.19
C QQ8 C 6 17.22 21.52 2.25
NM QQ8 C 6 18.53 21.49 2.24
CM QQ8 C 6 19.30 21.96 3.39
CA QQ8 C 6 20.10 20.75 3.90
N QQ8 C 6 20.99 20.33 2.85
CB QQ8 C 6 20.90 21.20 5.11
CG QQ8 C 6 21.42 20.04 5.88
CD QQ8 C 6 22.22 20.49 7.08
OE1 QQ8 C 6 22.93 21.50 7.03
NE2 QQ8 C 6 22.08 19.76 8.16
N ARG C 7 16.64 21.05 1.14
CA ARG C 7 15.19 21.01 1.00
C ARG C 7 14.48 20.18 2.06
N ILE C 8 15.13 19.15 2.60
CA ILE C 8 14.53 18.31 3.62
C ILE C 8 14.28 19.06 4.96
N ALA C 9 14.98 20.16 5.19
CA ALA C 9 14.86 20.94 6.43
C ALA C 9 13.96 22.13 6.26
N GLU D 1 -0.48 -23.57 18.56
CA GLU D 1 -1.39 -22.53 18.10
C GLU D 1 -0.89 -21.86 16.80
N LYS D 2 -0.17 -20.72 16.84
CA LYS D 2 0.28 -20.06 15.62
C LYS D 2 1.58 -20.63 15.08
CB QQB D 3 4.65 -21.74 16.41
O QQB D 3 3.58 -23.08 12.10
C QQB D 3 2.64 -23.62 12.70
NM QQB D 3 2.60 -23.85 14.00
CM QQB D 3 3.67 -23.49 14.93
CA QQB D 3 3.59 -22.02 15.34
N QQB D 3 2.28 -21.53 15.79
CG1 QQB D 3 4.75 -20.25 16.72
CD2 QQB D 3 5.59 -19.36 15.88
CG2 QQB D 3 6.24 -19.81 14.74
CD3 QQB D 3 6.93 -18.90 13.93
CE3 QQB D 3 7.05 -17.56 14.28
CZ2 QQB D 3 6.45 -17.08 15.46
CE2 QQB D 3 5.63 -17.92 16.20
CZ1 QQB D 3 4.93 -17.47 17.32
CE1 QQB D 3 4.16 -18.34 18.10
CD1 QQB D 3 4.07 -19.70 17.81
N OUR D 4 1.56 -24.03 12.03
CA OUR D 4 1.40 -23.81 10.60
C OUR D 4 1.17 -20.49 10.39
O OUR D 4 1.17 -20.48 9.16
CB OUR D 4 1.05 -25.11 9.91
CG OUR D 4 1.17 -25.08 8.39
CD OUR D 4 1.13 -26.48 7.79
NE OUR D 4 0.72 -26.43 6.39
CZ OUR D 4 -0.54 -26.45 5.98
NH1 OUR D 4 -1.53 -26.60 6.86
NH2 OUR D 4 -0.82 -26.40 4.68
CM OUR D 4 0.28 -22.77 10.40
N2 OUR D 4 0.73 -21.55 11.08
CA URL D 5 2.14 -18.23 10.46
C URL D 5 4.36 -19.64 8.71
O URL D 5 4.08 -18.78 7.86
CB URL D 5 1.54 -16.99 11.14
C2 URL D 5 3.69 -18.16 10.54
N URL D 5 1.61 -19.45 11.10
N2 URL D 5 4.24 -19.42 10.01
C1 URL D 5 0.10 -16.53 10.90
C3 URL D 5 -0.67 -16.54 12.20
C4 URL D 5 -0.64 -17.19 9.73
O QQ8 D 6 1.88 -22.44 4.92
C QQ8 D 6 1.67 -22.01 6.06
NM QQ8 D 6 2.58 -22.00 7.02
CM QQ8 D 6 3.94 -22.49 6.77
CA QQ8 D 6 4.88 -21.30 6.99
N QQ8 D 6 4.75 -20.88 8.38
CB QQ8 D 6 6.31 -21.76 6.70
CG QQ8 D 6 7.28 -20.61 6.71
CD QQ8 D 6 8.69 -21.07 6.51
OE1 QQ8 D 6 9.16 -21.98 7.21
NE2 QQ8 D 6 9.37 -20.48 5.55
N ARG D 7 0.49 -21.49 6.42
CA ARG D 7 -0.61 -21.40 5.46
C ARG D 7 -0.30 -20.57 4.21
N ILE D 8 0.58 -19.58 4.31
CA ILE D 8 0.95 -18.75 3.17
C ILE D 8 1.70 -19.53 2.06
N ALA D 9 2.29 -20.67 2.38
CA ALA D 9 3.05 -21.48 1.44
C ALA D 9 2.23 -22.62 0.88
C1 GOL E . 6.19 10.13 13.69
O1 GOL E . 6.42 8.79 13.29
C2 GOL E . 7.18 11.09 13.05
O2 GOL E . 7.55 10.60 11.76
C3 GOL E . 6.56 12.45 12.91
O3 GOL E . 6.12 12.94 14.16
C1 GOL F . 19.88 10.62 -16.47
O1 GOL F . 19.80 9.74 -15.36
C2 GOL F . 21.20 10.50 -17.20
O2 GOL F . 22.13 9.78 -16.41
C3 GOL F . 21.75 11.89 -17.41
O3 GOL F . 21.92 12.53 -16.14
S SO4 G . -1.67 6.69 19.29
O1 SO4 G . -2.02 8.05 18.88
O2 SO4 G . -1.53 5.83 18.12
O3 SO4 G . -2.71 6.17 20.17
O4 SO4 G . -0.40 6.73 20.02
S SO4 H . 12.09 25.37 1.98
O1 SO4 H . 12.77 26.32 1.09
O2 SO4 H . 11.68 24.20 1.22
O3 SO4 H . 10.91 26.02 2.57
O4 SO4 H . 13.01 24.97 3.04
C1 GOL I . 2.99 -10.14 -7.74
O1 GOL I . 2.94 -9.07 -8.67
C2 GOL I . 2.50 -11.42 -8.37
O2 GOL I . 2.38 -12.43 -7.36
C3 GOL I . 3.44 -11.92 -9.45
O3 GOL I . 3.13 -13.26 -9.81
C1 GOL J . -3.05 0.50 -2.41
O1 GOL J . -4.14 1.20 -1.82
C2 GOL J . -2.96 0.75 -3.90
O2 GOL J . -3.53 2.04 -4.21
C3 GOL J . -1.51 0.73 -4.34
O3 GOL J . -1.35 1.40 -5.59
C1 GOL K . -8.37 -12.72 23.13
O1 GOL K . -7.56 -13.47 22.23
C2 GOL K . -8.41 -11.28 22.68
O2 GOL K . -7.06 -10.84 22.52
C3 GOL K . -9.13 -11.26 21.35
O3 GOL K . -8.34 -10.57 20.36
C1 GOL L . -2.57 -5.98 17.18
O1 GOL L . -3.63 -5.04 17.15
C2 GOL L . -1.65 -5.80 16.00
O2 GOL L . -0.35 -5.42 16.48
C3 GOL L . -1.56 -7.12 15.28
O3 GOL L . -0.31 -7.31 14.62
C1 GOL M . -9.79 1.62 12.30
O1 GOL M . -8.45 1.42 12.75
C2 GOL M . -10.07 0.74 11.10
O2 GOL M . -9.46 1.30 9.94
C3 GOL M . -11.55 0.57 10.87
O3 GOL M . -12.14 1.75 10.33
S SO4 N . 2.61 -6.67 -18.09
O1 SO4 N . 4.04 -6.96 -18.25
O2 SO4 N . 1.83 -7.68 -18.84
O3 SO4 N . 2.32 -5.34 -18.60
O4 SO4 N . 2.26 -6.72 -16.67
C1 GOL O . 28.61 23.58 -4.54
O1 GOL O . 29.88 24.16 -4.32
C2 GOL O . 28.49 23.02 -5.95
O2 GOL O . 29.29 21.84 -6.06
C3 GOL O . 27.05 22.66 -6.18
O3 GOL O . 26.95 21.57 -7.09
C1 GOL P . 3.01 -22.72 20.15
O1 GOL P . 1.97 -21.89 19.70
C2 GOL P . 3.69 -23.38 18.98
O2 GOL P . 2.72 -24.06 18.18
C3 GOL P . 4.78 -24.34 19.40
O3 GOL P . 4.38 -25.17 20.49
S SO4 Q . -5.74 -24.63 -0.12
O1 SO4 Q . -4.84 -24.14 -1.18
O2 SO4 Q . -5.93 -26.07 -0.26
O3 SO4 Q . -7.04 -23.95 -0.25
O4 SO4 Q . -5.16 -24.33 1.19
#